data_7GCH
#
_entry.id   7GCH
#
_cell.length_a   69.300
_cell.length_b   69.300
_cell.length_c   97.600
_cell.angle_alpha   90.00
_cell.angle_beta   90.00
_cell.angle_gamma   90.00
#
_symmetry.space_group_name_H-M   'P 42 21 2'
#
loop_
_entity.id
_entity.type
_entity.pdbx_description
1 polymer 'GAMMA-CHYMOTRYPSIN A'
2 polymer 'GAMMA-CHYMOTRYPSIN A'
3 polymer 'GAMMA-CHYMOTRYPSIN A'
4 non-polymer '1,1,1-TRIFLUORO-3-((N-ACETYL)-L-LEUCYLAMIDO)-4-PHENYL-BUTAN-2-ONE(N-ACETYL-L-LEUCYL-L-PHENYLALANYL TRIFLUOROMETHYL KETONE)'
5 water water
#
loop_
_entity_poly.entity_id
_entity_poly.type
_entity_poly.pdbx_seq_one_letter_code
_entity_poly.pdbx_strand_id
1 'polypeptide(L)' CGVPAIQPVLSGL E
2 'polypeptide(L)'
;IVNGEEAVPGSWPWQVSLQDKTGFHFCGGSLINENWVVTAAHCGVTTSDVVVAGEFDQGSSSEKIQKLKIAKVFKNSKYN
SLTINNDITLLKLSTAASFSQTVSAVCLPSASDDFAAGTTCVTTGWGLTRY
;
F
3 'polypeptide(L)'
;ANTPDRLQQASLPLLSNTNCKKYWGTKIKDAMICAGASGVSSCMGDSGGPLVCKKNGAWTLVGIVSWGSSTCSTSTPGVY
ARVTALVNWVQQTLAAN
;
G
#
loop_
_chem_comp.id
_chem_comp.type
_chem_comp.name
_chem_comp.formula
LPF non-polymer '1,1,1-TRIFLUORO-3-((N-ACETYL)-L-LEUCYLAMIDO)-4-PHENYL-BUTAN-2-ONE(N-ACETYL-L-LEUCYL-L-PHENYLALANYL TRIFLUOROMETHYL KETONE)' 'C18 H23 F3 N2 O3'
#
# COMPACT_ATOMS: atom_id res chain seq x y z
N CYS A 1 5.52 -14.87 6.66
CA CYS A 1 5.23 -13.69 5.85
C CYS A 1 6.40 -13.17 5.03
N GLY A 2 5.99 -12.37 4.00
CA GLY A 2 6.97 -11.67 3.20
C GLY A 2 7.71 -12.29 2.08
N VAL A 3 7.42 -13.57 1.83
CA VAL A 3 8.14 -14.39 0.82
C VAL A 3 7.19 -15.01 -0.18
N PRO A 4 6.88 -14.23 -1.21
CA PRO A 4 5.91 -14.59 -2.24
C PRO A 4 6.29 -15.96 -2.76
N ALA A 5 5.30 -16.73 -3.14
CA ALA A 5 5.52 -18.06 -3.73
C ALA A 5 5.93 -18.02 -5.20
N ILE A 6 5.81 -16.88 -5.78
CA ILE A 6 6.15 -16.50 -7.17
C ILE A 6 7.03 -15.23 -7.11
N GLN A 7 8.28 -15.37 -7.45
CA GLN A 7 9.25 -14.31 -7.31
C GLN A 7 9.06 -13.09 -8.15
N PRO A 8 8.92 -11.99 -7.41
CA PRO A 8 8.81 -10.67 -8.08
C PRO A 8 10.10 -10.58 -8.88
N VAL A 9 10.08 -10.18 -10.12
CA VAL A 9 11.35 -9.94 -10.84
C VAL A 9 11.46 -8.44 -11.15
N LEU A 10 12.55 -7.83 -10.63
CA LEU A 10 12.69 -6.36 -10.84
C LEU A 10 13.51 -5.96 -12.03
N SER A 11 12.84 -5.17 -12.88
N ILE B 1 0.87 4.14 -10.84
CA ILE B 1 2.33 4.41 -10.95
C ILE B 1 2.80 4.94 -12.29
N VAL B 2 3.51 6.05 -12.24
CA VAL B 2 4.17 6.77 -13.38
C VAL B 2 5.54 6.10 -13.64
N ASN B 3 5.78 5.60 -14.82
CA ASN B 3 7.03 4.93 -15.17
C ASN B 3 7.20 3.59 -14.47
N GLY B 4 6.09 2.84 -14.37
CA GLY B 4 6.27 1.53 -13.66
C GLY B 4 6.75 0.60 -14.77
N GLU B 5 6.60 -0.62 -14.43
CA GLU B 5 6.79 -1.82 -15.23
C GLU B 5 5.67 -2.77 -14.73
N GLU B 6 5.18 -3.54 -15.65
CA GLU B 6 4.21 -4.61 -15.40
C GLU B 6 4.95 -5.63 -14.54
N ALA B 7 4.25 -6.00 -13.49
CA ALA B 7 4.68 -6.95 -12.47
C ALA B 7 4.47 -8.35 -13.13
N VAL B 8 5.11 -9.30 -12.58
CA VAL B 8 4.95 -10.76 -12.83
C VAL B 8 3.68 -11.11 -12.01
N PRO B 9 2.67 -11.62 -12.65
CA PRO B 9 1.39 -11.99 -12.04
C PRO B 9 1.51 -12.82 -10.79
N GLY B 10 0.81 -12.51 -9.70
CA GLY B 10 0.84 -13.33 -8.48
C GLY B 10 2.07 -13.12 -7.62
N SER B 11 2.93 -12.16 -8.07
CA SER B 11 4.17 -11.82 -7.40
C SER B 11 4.26 -10.84 -6.28
N TRP B 12 3.22 -10.18 -5.94
CA TRP B 12 2.97 -9.16 -4.92
C TRP B 12 1.63 -9.62 -4.35
N PRO B 13 1.71 -10.81 -3.72
CA PRO B 13 0.61 -11.62 -3.28
C PRO B 13 -0.36 -11.08 -2.25
N TRP B 14 0.05 -10.03 -1.59
CA TRP B 14 -0.59 -9.29 -0.53
C TRP B 14 -1.32 -8.08 -1.10
N GLN B 15 -1.08 -7.82 -2.37
CA GLN B 15 -1.64 -6.61 -3.02
C GLN B 15 -3.10 -6.75 -3.31
N VAL B 16 -3.97 -6.09 -2.61
CA VAL B 16 -5.41 -6.19 -2.90
C VAL B 16 -5.80 -4.89 -3.60
N SER B 17 -6.97 -5.00 -4.18
CA SER B 17 -7.63 -3.84 -4.85
C SER B 17 -8.92 -3.54 -4.10
N LEU B 18 -9.11 -2.34 -3.70
CA LEU B 18 -10.36 -1.77 -3.13
C LEU B 18 -11.32 -1.47 -4.30
N GLN B 19 -12.50 -1.96 -4.39
CA GLN B 19 -13.57 -1.68 -5.37
C GLN B 19 -14.89 -1.44 -4.66
N ASP B 20 -15.80 -0.76 -5.35
CA ASP B 20 -17.12 -0.32 -4.94
C ASP B 20 -18.19 -1.15 -5.62
N LYS B 21 -19.42 -1.05 -5.15
CA LYS B 21 -20.50 -1.91 -5.62
C LYS B 21 -20.49 -1.92 -7.12
N THR B 22 -20.07 -0.81 -7.70
CA THR B 22 -19.98 -0.55 -9.13
C THR B 22 -18.90 -1.36 -9.84
N GLY B 23 -17.89 -1.78 -9.08
CA GLY B 23 -16.76 -2.58 -9.51
C GLY B 23 -15.52 -1.73 -9.85
N PHE B 24 -15.60 -0.50 -9.41
CA PHE B 24 -14.53 0.52 -9.62
C PHE B 24 -13.43 0.34 -8.56
N HIS B 25 -12.24 0.16 -9.09
CA HIS B 25 -10.95 0.06 -8.34
C HIS B 25 -10.63 1.49 -7.82
N PHE B 26 -10.72 1.67 -6.51
CA PHE B 26 -10.62 3.07 -5.98
C PHE B 26 -9.37 3.36 -5.20
N CYS B 27 -8.75 2.34 -4.60
CA CYS B 27 -7.50 2.39 -3.83
C CYS B 27 -6.93 0.94 -3.78
N GLY B 28 -5.77 0.82 -3.17
CA GLY B 28 -5.15 -0.48 -2.91
C GLY B 28 -5.09 -0.77 -1.41
N GLY B 29 -4.65 -2.00 -1.10
CA GLY B 29 -4.53 -2.44 0.28
C GLY B 29 -3.54 -3.57 0.30
N SER B 30 -3.13 -3.85 1.53
CA SER B 30 -2.22 -4.98 1.75
C SER B 30 -2.73 -5.92 2.83
N LEU B 31 -2.71 -7.21 2.47
CA LEU B 31 -2.95 -8.30 3.40
C LEU B 31 -1.82 -8.46 4.42
N ILE B 32 -2.22 -8.47 5.72
CA ILE B 32 -1.29 -8.63 6.80
C ILE B 32 -1.49 -10.00 7.46
N ASN B 33 -2.53 -10.63 7.01
CA ASN B 33 -2.97 -11.97 7.38
C ASN B 33 -4.31 -12.30 6.72
N GLU B 34 -4.96 -13.38 7.17
CA GLU B 34 -6.15 -13.86 6.47
C GLU B 34 -7.41 -13.14 6.70
N ASN B 35 -7.61 -12.42 7.72
CA ASN B 35 -8.75 -11.65 8.14
C ASN B 35 -8.66 -10.15 8.21
N TRP B 36 -7.47 -9.66 7.78
CA TRP B 36 -7.11 -8.23 8.06
C TRP B 36 -6.35 -7.55 6.92
N VAL B 37 -6.91 -6.38 6.55
CA VAL B 37 -6.47 -5.58 5.45
C VAL B 37 -5.91 -4.22 5.89
N VAL B 38 -4.72 -3.90 5.37
CA VAL B 38 -4.21 -2.52 5.64
C VAL B 38 -4.33 -1.62 4.43
N THR B 39 -4.77 -0.35 4.69
CA THR B 39 -4.87 0.67 3.63
C THR B 39 -4.79 2.03 4.29
N ALA B 40 -4.97 3.08 3.49
CA ALA B 40 -4.91 4.48 3.91
C ALA B 40 -6.27 4.76 4.54
N ALA B 41 -6.30 5.78 5.40
CA ALA B 41 -7.59 6.19 6.00
C ALA B 41 -8.33 7.08 5.00
N HIS B 42 -7.54 7.90 4.29
CA HIS B 42 -8.17 8.82 3.30
C HIS B 42 -8.89 8.08 2.23
N CYS B 43 -8.67 6.79 2.00
CA CYS B 43 -9.39 6.08 0.95
C CYS B 43 -10.90 5.99 1.25
N GLY B 44 -11.36 6.26 2.44
CA GLY B 44 -12.69 6.34 2.92
C GLY B 44 -13.48 5.06 2.68
N VAL B 45 -12.95 3.90 2.97
CA VAL B 45 -13.66 2.60 2.85
C VAL B 45 -14.87 2.61 3.80
N THR B 46 -15.89 1.86 3.37
CA THR B 46 -17.14 1.59 3.92
C THR B 46 -17.37 0.04 3.84
N THR B 47 -18.41 -0.40 4.54
CA THR B 47 -18.76 -1.81 4.50
C THR B 47 -19.36 -2.28 3.20
N SER B 48 -19.70 -1.50 2.20
CA SER B 48 -20.25 -1.91 0.93
C SER B 48 -19.21 -2.00 -0.15
N ASP B 49 -17.99 -1.73 0.28
CA ASP B 49 -16.81 -1.88 -0.60
C ASP B 49 -16.40 -3.33 -0.46
N VAL B 50 -15.69 -3.72 -1.53
CA VAL B 50 -15.25 -5.16 -1.59
C VAL B 50 -13.75 -5.19 -1.71
N VAL B 51 -13.14 -6.01 -0.91
CA VAL B 51 -11.68 -6.25 -0.87
C VAL B 51 -11.57 -7.32 -1.99
N VAL B 52 -10.72 -7.10 -2.94
CA VAL B 52 -10.54 -8.03 -4.07
C VAL B 52 -9.12 -8.59 -4.01
N ALA B 53 -8.98 -9.90 -3.87
CA ALA B 53 -7.58 -10.42 -3.79
C ALA B 53 -7.30 -11.37 -4.90
N GLY B 54 -6.00 -11.53 -5.15
CA GLY B 54 -5.35 -12.28 -6.17
C GLY B 54 -5.54 -11.70 -7.55
N GLU B 55 -5.60 -10.39 -7.75
CA GLU B 55 -5.76 -9.73 -9.05
C GLU B 55 -4.43 -9.28 -9.65
N PHE B 56 -4.51 -9.45 -10.98
CA PHE B 56 -3.43 -9.02 -11.87
C PHE B 56 -4.01 -8.07 -12.92
N ASP B 57 -5.10 -8.58 -13.46
CA ASP B 57 -5.74 -7.78 -14.57
C ASP B 57 -7.22 -7.69 -14.33
N GLN B 58 -7.63 -6.49 -13.98
CA GLN B 58 -9.01 -6.12 -13.68
C GLN B 58 -9.90 -6.30 -14.90
N GLY B 59 -9.20 -6.50 -16.02
CA GLY B 59 -9.83 -6.76 -17.28
C GLY B 59 -10.17 -8.23 -17.52
N SER B 60 -9.59 -9.12 -16.77
CA SER B 60 -9.78 -10.56 -16.99
C SER B 60 -11.08 -11.04 -16.36
N SER B 61 -11.57 -12.08 -17.02
CA SER B 61 -12.85 -12.69 -16.59
C SER B 61 -12.43 -14.08 -16.05
N SER B 62 -11.26 -14.50 -16.47
CA SER B 62 -10.64 -15.76 -16.13
C SER B 62 -9.65 -15.86 -14.99
N GLU B 63 -9.58 -14.88 -14.08
CA GLU B 63 -8.65 -15.12 -12.94
C GLU B 63 -9.53 -15.63 -11.79
N LYS B 64 -8.91 -16.39 -10.96
CA LYS B 64 -9.40 -17.01 -9.74
C LYS B 64 -9.28 -16.04 -8.57
N ILE B 65 -9.98 -14.94 -8.62
CA ILE B 65 -9.96 -13.85 -7.61
C ILE B 65 -10.85 -14.14 -6.42
N GLN B 66 -10.66 -13.45 -5.30
CA GLN B 66 -11.62 -13.59 -4.18
C GLN B 66 -12.30 -12.23 -3.94
N LYS B 67 -13.59 -12.18 -3.95
CA LYS B 67 -14.30 -10.91 -3.66
C LYS B 67 -14.77 -11.07 -2.22
N LEU B 68 -14.22 -10.28 -1.31
CA LEU B 68 -14.40 -10.42 0.13
C LEU B 68 -15.01 -9.18 0.76
N LYS B 69 -16.02 -9.46 1.58
CA LYS B 69 -16.91 -8.49 2.23
C LYS B 69 -16.21 -7.75 3.30
N ILE B 70 -16.50 -6.48 3.58
CA ILE B 70 -15.73 -5.82 4.73
C ILE B 70 -16.62 -5.89 5.95
N ALA B 71 -16.13 -6.27 7.13
CA ALA B 71 -17.10 -6.29 8.25
C ALA B 71 -16.93 -4.97 9.01
N LYS B 72 -15.71 -4.66 9.36
CA LYS B 72 -15.46 -3.47 10.12
C LYS B 72 -14.31 -2.63 9.56
N VAL B 73 -14.50 -1.34 9.87
CA VAL B 73 -13.52 -0.33 9.36
C VAL B 73 -12.97 0.31 10.61
N PHE B 74 -11.66 0.12 10.75
CA PHE B 74 -10.92 0.62 11.91
C PHE B 74 -10.08 1.81 11.43
N LYS B 75 -10.64 2.97 11.56
CA LYS B 75 -9.94 4.21 11.11
C LYS B 75 -9.08 4.67 12.27
N ASN B 76 -7.78 4.82 12.09
CA ASN B 76 -6.90 5.25 13.20
C ASN B 76 -7.40 6.62 13.68
N SER B 77 -7.83 6.69 14.94
CA SER B 77 -8.29 8.04 15.38
C SER B 77 -7.15 9.05 15.48
N LYS B 78 -5.92 8.68 15.15
CA LYS B 78 -4.80 9.66 15.15
C LYS B 78 -4.65 10.27 13.77
N TYR B 79 -5.49 9.78 12.88
CA TYR B 79 -5.72 10.28 11.54
C TYR B 79 -6.22 11.74 11.78
N ASN B 80 -5.52 12.62 11.12
CA ASN B 80 -5.69 14.03 11.00
C ASN B 80 -5.80 14.36 9.49
N SER B 81 -7.07 14.26 9.18
CA SER B 81 -7.71 14.52 7.90
C SER B 81 -7.28 15.85 7.31
N LEU B 82 -6.86 16.81 8.08
CA LEU B 82 -6.43 18.12 7.57
C LEU B 82 -4.96 17.93 7.18
N THR B 83 -4.31 17.22 8.10
CA THR B 83 -2.88 17.04 7.89
C THR B 83 -2.55 15.92 6.91
N ILE B 84 -3.35 14.89 6.99
CA ILE B 84 -3.08 13.64 6.27
C ILE B 84 -1.96 12.93 7.12
N ASN B 85 -1.92 13.28 8.40
CA ASN B 85 -0.94 12.59 9.26
C ASN B 85 -1.65 11.27 9.66
N ASN B 86 -0.82 10.35 10.03
CA ASN B 86 -1.16 8.98 10.45
C ASN B 86 -2.25 8.38 9.57
N ASP B 87 -2.11 8.29 8.30
CA ASP B 87 -3.00 7.80 7.28
C ASP B 87 -3.02 6.29 7.11
N ILE B 88 -3.77 5.66 8.05
CA ILE B 88 -3.89 4.20 8.07
C ILE B 88 -5.25 3.81 8.65
N THR B 89 -5.91 2.85 8.08
CA THR B 89 -7.17 2.21 8.37
C THR B 89 -6.89 0.68 8.22
N LEU B 90 -7.48 -0.04 9.16
CA LEU B 90 -7.45 -1.54 9.10
C LEU B 90 -8.83 -1.95 8.67
N LEU B 91 -8.98 -3.01 7.93
CA LEU B 91 -10.29 -3.50 7.46
C LEU B 91 -10.31 -4.96 7.88
N LYS B 92 -11.33 -5.24 8.65
CA LYS B 92 -11.55 -6.64 9.15
C LYS B 92 -12.50 -7.30 8.21
N LEU B 93 -12.15 -8.48 7.69
CA LEU B 93 -12.97 -9.21 6.72
C LEU B 93 -14.06 -10.06 7.38
N SER B 94 -15.19 -10.12 6.65
CA SER B 94 -16.36 -10.89 7.11
C SER B 94 -16.10 -12.36 6.76
N THR B 95 -15.29 -12.55 5.74
CA THR B 95 -14.86 -13.88 5.35
C THR B 95 -13.35 -13.93 5.16
N ALA B 96 -12.70 -14.84 5.88
CA ALA B 96 -11.24 -14.96 5.84
C ALA B 96 -10.69 -15.25 4.46
N ALA B 97 -9.64 -14.62 4.02
CA ALA B 97 -9.03 -14.89 2.68
C ALA B 97 -8.48 -16.32 2.74
N SER B 98 -8.46 -16.97 1.60
CA SER B 98 -7.86 -18.32 1.60
C SER B 98 -6.45 -18.12 1.14
N PHE B 99 -5.39 -18.49 1.82
CA PHE B 99 -4.01 -18.21 1.39
C PHE B 99 -3.61 -19.25 0.33
N SER B 100 -2.81 -18.86 -0.66
CA SER B 100 -2.48 -19.60 -1.87
C SER B 100 -1.17 -19.13 -2.49
N GLN B 101 -0.79 -19.60 -3.67
CA GLN B 101 0.43 -19.19 -4.31
C GLN B 101 0.37 -17.69 -4.67
N THR B 102 -0.87 -17.20 -4.81
CA THR B 102 -1.08 -15.79 -5.13
C THR B 102 -1.79 -15.01 -4.07
N VAL B 103 -2.10 -15.52 -2.89
CA VAL B 103 -2.75 -14.59 -1.87
C VAL B 103 -1.94 -14.82 -0.61
N SER B 104 -1.13 -13.86 -0.15
CA SER B 104 -0.28 -14.13 1.07
C SER B 104 -0.13 -12.84 1.88
N ALA B 105 0.48 -12.86 3.06
CA ALA B 105 0.58 -11.63 3.88
C ALA B 105 1.91 -10.90 3.72
N VAL B 106 1.87 -9.59 3.94
CA VAL B 106 3.21 -8.84 3.85
C VAL B 106 3.67 -8.86 5.32
N CYS B 107 4.97 -8.74 5.53
CA CYS B 107 5.50 -8.62 6.87
C CYS B 107 5.42 -7.14 7.28
N LEU B 108 5.18 -6.99 8.59
CA LEU B 108 5.13 -5.69 9.26
C LEU B 108 6.43 -5.50 10.03
N PRO B 109 6.87 -4.26 10.15
CA PRO B 109 8.11 -3.96 10.87
C PRO B 109 7.78 -3.87 12.35
N SER B 110 8.84 -3.88 13.16
CA SER B 110 8.50 -3.63 14.63
C SER B 110 8.69 -2.11 14.68
N ALA B 111 8.09 -1.36 15.54
CA ALA B 111 8.28 0.08 15.63
C ALA B 111 9.71 0.61 15.71
N SER B 112 10.66 -0.22 16.11
CA SER B 112 12.02 0.18 16.36
C SER B 112 12.92 -0.15 15.20
N ASP B 113 12.31 -0.38 14.04
CA ASP B 113 13.11 -0.73 12.86
C ASP B 113 13.57 0.58 12.18
N ASP B 114 14.69 0.36 11.53
CA ASP B 114 15.37 1.38 10.72
C ASP B 114 15.36 0.93 9.24
N PHE B 115 15.04 1.91 8.45
CA PHE B 115 14.94 1.87 6.98
C PHE B 115 15.65 3.18 6.56
N ALA B 116 16.91 3.01 6.18
CA ALA B 116 17.79 4.12 5.87
C ALA B 116 17.54 4.80 4.53
N ALA B 117 17.95 6.06 4.48
CA ALA B 117 17.69 6.86 3.25
C ALA B 117 18.69 6.35 2.19
N GLY B 118 18.19 6.23 0.98
CA GLY B 118 18.92 5.75 -0.17
C GLY B 118 18.61 4.28 -0.47
N THR B 119 17.90 3.60 0.41
CA THR B 119 17.47 2.22 0.23
C THR B 119 16.47 2.08 -0.93
N THR B 120 16.70 1.07 -1.79
CA THR B 120 15.79 0.79 -2.88
C THR B 120 14.71 -0.18 -2.42
N CYS B 121 13.49 0.34 -2.39
CA CYS B 121 12.26 -0.35 -1.94
C CYS B 121 11.38 -0.48 -3.15
N VAL B 122 10.18 -1.03 -3.05
CA VAL B 122 9.31 -1.24 -4.22
C VAL B 122 7.87 -0.89 -3.91
N THR B 123 7.20 -0.28 -4.89
CA THR B 123 5.79 0.12 -4.70
C THR B 123 4.97 -0.51 -5.81
N THR B 124 3.79 -0.96 -5.53
CA THR B 124 2.88 -1.62 -6.46
C THR B 124 1.53 -0.90 -6.47
N GLY B 125 0.85 -1.13 -7.59
CA GLY B 125 -0.44 -0.46 -7.80
C GLY B 125 -0.98 -0.51 -9.21
N TRP B 126 -2.24 -0.14 -9.29
CA TRP B 126 -3.14 0.04 -10.36
C TRP B 126 -3.51 1.52 -10.54
N GLY B 127 -2.66 2.36 -10.06
CA GLY B 127 -2.67 3.84 -10.16
C GLY B 127 -2.50 4.44 -11.55
N LEU B 128 -2.87 5.76 -11.59
CA LEU B 128 -2.81 6.38 -12.97
C LEU B 128 -1.42 6.04 -13.47
N THR B 129 -1.29 5.69 -14.75
CA THR B 129 0.01 5.34 -15.30
C THR B 129 0.58 6.59 -16.03
N ARG B 130 -0.31 7.53 -16.26
CA ARG B 130 0.13 8.82 -16.88
C ARG B 130 -0.88 9.89 -16.44
N TYR B 131 -0.34 11.09 -16.15
CA TYR B 131 -1.24 12.18 -15.68
C TYR B 131 -1.77 13.00 -16.89
N THR C 3 -7.38 4.00 -15.09
CA THR C 3 -6.33 3.15 -14.49
C THR C 3 -6.05 1.96 -15.41
N PRO C 4 -4.79 1.56 -15.46
CA PRO C 4 -4.28 0.43 -16.26
C PRO C 4 -5.00 -0.83 -15.74
N ASP C 5 -5.16 -1.84 -16.56
CA ASP C 5 -5.77 -3.12 -16.18
C ASP C 5 -4.83 -4.00 -15.36
N ARG C 6 -3.60 -4.03 -15.77
CA ARG C 6 -2.40 -4.68 -15.29
C ARG C 6 -1.67 -4.06 -14.11
N LEU C 7 -1.26 -4.93 -13.20
CA LEU C 7 -0.58 -4.52 -11.96
C LEU C 7 0.82 -3.99 -12.26
N GLN C 8 1.03 -2.73 -11.82
CA GLN C 8 2.41 -2.17 -12.14
C GLN C 8 3.21 -2.21 -10.89
N GLN C 9 4.51 -2.07 -10.97
CA GLN C 9 5.48 -2.00 -9.91
C GLN C 9 6.54 -0.97 -10.32
N ALA C 10 7.32 -0.55 -9.37
CA ALA C 10 8.40 0.42 -9.44
C ALA C 10 9.31 0.34 -8.21
N SER C 11 10.62 0.39 -8.49
CA SER C 11 11.70 0.38 -7.47
C SER C 11 12.05 1.83 -7.13
N LEU C 12 12.45 2.28 -5.97
CA LEU C 12 12.63 3.80 -5.81
C LEU C 12 13.27 3.95 -4.47
N PRO C 13 13.82 5.09 -4.16
CA PRO C 13 14.51 5.26 -2.90
C PRO C 13 13.82 5.99 -1.78
N LEU C 14 13.96 5.46 -0.55
CA LEU C 14 13.51 6.20 0.64
C LEU C 14 14.44 7.43 0.76
N LEU C 15 13.86 8.54 1.23
CA LEU C 15 14.68 9.76 1.44
C LEU C 15 14.47 10.02 2.94
N SER C 16 15.13 11.02 3.48
CA SER C 16 15.01 11.40 4.90
C SER C 16 13.84 12.37 4.98
N ASN C 17 13.38 12.58 6.19
CA ASN C 17 12.27 13.61 6.35
C ASN C 17 12.91 14.94 6.01
N THR C 18 14.08 15.16 6.65
CA THR C 18 14.86 16.40 6.38
C THR C 18 14.94 16.80 4.95
N ASN C 19 15.53 15.92 4.12
CA ASN C 19 15.66 16.13 2.68
C ASN C 19 14.24 16.25 2.11
N CYS C 20 13.31 15.58 2.82
CA CYS C 20 11.93 15.60 2.31
C CYS C 20 11.34 16.94 2.52
N LYS C 21 11.57 17.64 3.60
CA LYS C 21 11.02 19.00 3.77
C LYS C 21 11.73 20.05 2.93
N LYS C 22 12.76 19.58 2.22
CA LYS C 22 13.37 20.38 1.12
C LYS C 22 12.37 20.47 0.02
N TYR C 23 11.43 19.53 -0.13
CA TYR C 23 10.35 19.56 -1.13
C TYR C 23 8.96 19.91 -0.66
N TRP C 24 8.65 19.45 0.58
CA TRP C 24 7.26 19.55 1.10
C TRP C 24 7.11 20.40 2.33
N GLY C 25 8.14 20.66 3.03
CA GLY C 25 8.37 21.52 4.16
C GLY C 25 7.60 21.05 5.38
N THR C 26 6.93 22.00 6.00
CA THR C 26 6.11 21.73 7.18
C THR C 26 4.97 20.74 6.92
N LYS C 27 4.73 20.29 5.71
CA LYS C 27 3.67 19.37 5.39
C LYS C 27 4.03 17.95 5.83
N ILE C 28 5.31 17.70 5.89
CA ILE C 28 5.91 16.44 6.23
C ILE C 28 5.98 16.25 7.75
N LYS C 29 5.16 15.28 8.22
CA LYS C 29 5.15 15.02 9.66
C LYS C 29 5.83 13.69 9.97
N ASP C 30 5.97 13.50 11.27
CA ASP C 30 6.62 12.34 11.86
C ASP C 30 6.14 10.99 11.39
N ALA C 31 4.89 10.70 11.20
CA ALA C 31 4.39 9.40 10.81
C ALA C 31 4.26 9.23 9.30
N MET C 32 5.09 9.93 8.59
CA MET C 32 5.08 9.90 7.12
C MET C 32 6.50 9.65 6.66
N ILE C 33 6.57 8.92 5.56
CA ILE C 33 7.86 8.58 4.97
C ILE C 33 7.84 8.85 3.47
N CYS C 34 8.93 9.44 3.00
CA CYS C 34 9.09 9.86 1.63
C CYS C 34 9.94 8.89 0.81
N ALA C 35 9.64 8.77 -0.44
CA ALA C 35 10.31 8.03 -1.45
C ALA C 35 9.91 8.47 -2.86
N GLY C 36 10.88 8.33 -3.71
CA GLY C 36 10.80 8.58 -5.14
C GLY C 36 11.73 9.78 -5.56
N ALA C 37 11.13 10.58 -6.40
CA ALA C 37 11.85 11.75 -6.97
C ALA C 37 12.97 11.16 -7.82
N SER C 38 12.64 9.99 -8.38
CA SER C 38 13.67 9.17 -9.01
C SER C 38 13.47 9.05 -10.50
N GLY C 39 12.26 9.37 -10.93
CA GLY C 39 11.93 9.17 -12.37
C GLY C 39 10.69 8.22 -12.42
N VAL C 40 10.19 8.04 -11.24
CA VAL C 40 8.94 7.22 -11.07
C VAL C 40 8.12 7.97 -10.05
N SER C 41 6.83 7.68 -10.08
CA SER C 41 5.90 8.28 -9.14
C SER C 41 4.66 7.39 -8.97
N SER C 42 4.20 7.41 -7.73
CA SER C 42 2.89 6.79 -7.37
C SER C 42 1.89 7.86 -7.86
N CYS C 43 0.68 7.39 -8.11
CA CYS C 43 -0.35 8.30 -8.66
C CYS C 43 -1.73 7.93 -8.11
N MET C 44 -2.66 8.74 -8.56
CA MET C 44 -4.09 8.66 -8.25
C MET C 44 -4.46 7.22 -8.59
N GLY C 45 -5.07 6.58 -7.59
CA GLY C 45 -5.41 5.14 -7.82
C GLY C 45 -4.51 4.24 -7.00
N ASP C 46 -3.30 4.64 -6.60
CA ASP C 46 -2.37 3.85 -5.80
C ASP C 46 -2.61 3.90 -4.28
N SER C 47 -3.31 4.85 -3.75
CA SER C 47 -3.55 5.09 -2.33
C SER C 47 -3.91 3.76 -1.66
N GLY C 48 -3.36 3.51 -0.47
CA GLY C 48 -3.62 2.38 0.40
C GLY C 48 -2.75 1.19 0.16
N GLY C 49 -2.19 1.30 -1.04
CA GLY C 49 -1.28 0.25 -1.56
C GLY C 49 0.04 0.37 -0.83
N PRO C 50 0.87 -0.67 -0.96
CA PRO C 50 2.12 -0.78 -0.25
C PRO C 50 3.37 -0.13 -0.92
N LEU C 51 4.30 0.09 0.00
CA LEU C 51 5.69 0.47 -0.18
C LEU C 51 6.43 -0.56 0.62
N VAL C 52 7.01 -1.56 -0.08
CA VAL C 52 7.78 -2.63 0.54
C VAL C 52 9.30 -2.59 0.28
N CYS C 53 10.04 -2.82 1.34
CA CYS C 53 11.45 -3.02 1.53
C CYS C 53 11.71 -4.44 2.10
N LYS C 54 12.69 -5.09 1.52
CA LYS C 54 13.14 -6.41 1.93
C LYS C 54 14.35 -6.23 2.85
N LYS C 55 14.24 -6.88 3.95
CA LYS C 55 14.96 -6.99 5.19
C LYS C 55 15.05 -8.46 5.65
N ASN C 56 16.25 -9.02 5.59
CA ASN C 56 16.56 -10.35 6.08
C ASN C 56 15.76 -11.41 5.31
N GLY C 57 15.68 -11.16 4.02
CA GLY C 57 15.01 -11.96 3.05
C GLY C 57 13.56 -11.83 2.77
N ALA C 58 12.85 -11.04 3.51
CA ALA C 58 11.41 -10.84 3.42
C ALA C 58 11.06 -9.35 3.20
N TRP C 59 9.98 -9.16 2.53
CA TRP C 59 9.28 -7.91 2.19
C TRP C 59 8.51 -7.41 3.40
N THR C 60 8.87 -6.22 3.92
CA THR C 60 8.16 -5.60 5.06
C THR C 60 7.44 -4.34 4.59
N LEU C 61 6.20 -4.24 5.11
CA LEU C 61 5.37 -3.07 4.81
C LEU C 61 6.07 -1.89 5.51
N VAL C 62 6.69 -1.04 4.72
CA VAL C 62 7.38 0.15 5.28
C VAL C 62 6.61 1.44 5.09
N GLY C 63 5.76 1.58 4.10
CA GLY C 63 4.89 2.72 3.86
C GLY C 63 3.56 2.30 3.27
N ILE C 64 2.58 3.12 3.39
CA ILE C 64 1.25 3.05 2.80
C ILE C 64 1.14 4.33 1.92
N VAL C 65 0.78 4.09 0.68
CA VAL C 65 0.69 5.19 -0.33
C VAL C 65 -0.35 6.18 0.21
N SER C 66 0.17 7.41 0.38
CA SER C 66 -0.66 8.50 0.96
C SER C 66 -0.96 9.62 -0.03
N TRP C 67 0.08 10.40 -0.40
CA TRP C 67 -0.16 11.60 -1.26
C TRP C 67 1.10 12.14 -1.88
N GLY C 68 1.08 13.22 -2.64
CA GLY C 68 2.34 13.76 -3.17
C GLY C 68 1.97 14.90 -4.14
N SER C 69 2.61 14.85 -5.27
CA SER C 69 2.46 15.87 -6.33
C SER C 69 1.10 15.74 -6.98
N SER C 70 0.27 16.74 -6.86
CA SER C 70 -1.06 16.86 -7.43
C SER C 70 -1.11 16.14 -8.76
N THR C 71 0.07 16.25 -9.35
CA THR C 71 0.37 15.86 -10.74
C THR C 71 1.19 14.62 -10.96
N CYS C 72 1.58 13.97 -9.90
CA CYS C 72 2.37 12.72 -10.05
C CYS C 72 3.67 13.02 -10.79
N SER C 73 4.20 14.18 -10.48
CA SER C 73 5.51 14.60 -11.08
C SER C 73 6.50 13.51 -10.58
N THR C 74 7.42 13.07 -11.44
CA THR C 74 8.35 12.01 -11.07
C THR C 74 9.66 12.60 -10.57
N SER C 75 9.57 13.90 -10.27
CA SER C 75 10.76 14.66 -9.82
C SER C 75 10.46 15.09 -8.38
N THR C 76 9.18 14.96 -8.10
CA THR C 76 8.61 15.16 -6.76
C THR C 76 8.41 13.82 -6.05
N PRO C 77 8.96 13.69 -4.85
CA PRO C 77 8.85 12.53 -3.96
C PRO C 77 7.41 12.31 -3.44
N GLY C 78 7.07 11.04 -3.41
CA GLY C 78 5.67 10.64 -3.02
C GLY C 78 5.60 10.67 -1.49
N VAL C 79 4.47 11.04 -0.90
CA VAL C 79 4.44 10.92 0.57
C VAL C 79 3.64 9.66 0.95
N TYR C 80 4.26 8.90 1.86
CA TYR C 80 3.68 7.64 2.33
C TYR C 80 3.49 7.69 3.85
N ALA C 81 2.63 6.83 4.32
CA ALA C 81 2.36 6.67 5.78
C ALA C 81 3.58 5.96 6.34
N ARG C 82 4.03 6.26 7.53
CA ARG C 82 5.30 5.53 7.96
C ARG C 82 4.88 4.44 8.88
N VAL C 83 4.90 3.18 8.44
CA VAL C 83 4.47 2.01 9.19
C VAL C 83 5.05 1.74 10.53
N THR C 84 6.30 2.09 10.72
CA THR C 84 6.92 1.94 12.08
C THR C 84 6.22 2.67 13.18
N ALA C 85 5.69 3.84 12.98
CA ALA C 85 4.94 4.74 13.79
C ALA C 85 3.49 4.35 13.99
N LEU C 86 2.99 3.41 13.19
CA LEU C 86 1.57 3.03 13.27
C LEU C 86 1.37 1.55 13.62
N VAL C 87 2.56 0.93 13.64
CA VAL C 87 2.46 -0.56 13.84
C VAL C 87 1.98 -0.90 15.20
N ASN C 88 2.25 -0.06 16.21
CA ASN C 88 1.73 -0.52 17.56
C ASN C 88 0.21 -0.43 17.52
N TRP C 89 -0.31 0.55 16.78
CA TRP C 89 -1.77 0.69 16.73
C TRP C 89 -2.35 -0.58 16.12
N VAL C 90 -1.75 -1.02 15.03
CA VAL C 90 -2.19 -2.26 14.36
C VAL C 90 -2.16 -3.47 15.30
N GLN C 91 -1.10 -3.67 16.03
CA GLN C 91 -0.96 -4.78 17.02
C GLN C 91 -2.02 -4.70 18.12
N GLN C 92 -2.28 -3.54 18.60
CA GLN C 92 -3.30 -3.15 19.58
C GLN C 92 -4.70 -3.41 19.01
N THR C 93 -4.94 -3.28 17.71
CA THR C 93 -6.26 -3.48 17.12
C THR C 93 -6.56 -4.95 16.86
N LEU C 94 -5.51 -5.63 16.41
CA LEU C 94 -5.73 -7.06 16.06
C LEU C 94 -5.94 -7.84 17.36
N ALA C 95 -5.27 -7.36 18.38
CA ALA C 95 -5.33 -7.87 19.73
C ALA C 95 -6.74 -7.73 20.34
N ALA C 96 -7.33 -6.57 20.17
CA ALA C 96 -8.65 -6.39 20.83
C ALA C 96 -9.76 -7.09 20.07
N ASN C 97 -9.75 -7.04 18.75
CA ASN C 97 -10.78 -7.65 17.93
C ASN C 97 -10.25 -8.90 17.21
C1 LPF D . -5.88 8.53 -4.14
F11 LPF D . -6.37 9.59 -3.11
F12 LPF D . -6.92 7.29 -4.04
F13 LPF D . -6.06 9.02 -5.63
C2 LPF D . -4.42 8.17 -4.05
O2 LPF D . -4.09 7.12 -5.08
C3 LPF D . -3.69 9.35 -4.46
C4 LPF D . -2.20 8.94 -4.58
CP1 LPF D . -1.03 9.85 -4.94
CP2 LPF D . -1.15 10.96 -5.66
CP3 LPF D . -0.05 11.72 -5.99
CP4 LPF D . 1.16 11.32 -5.57
CP5 LPF D . 1.29 10.19 -4.82
CP6 LPF D . 0.18 9.48 -4.55
N3 LPF D . -3.80 10.31 -3.34
CN1 LPF D . -4.38 11.60 -3.45
ON1 LPF D . -4.75 11.99 -4.53
CN2 LPF D . -4.27 12.22 -2.04
NL1 LPF D . -3.67 13.54 -2.10
CL1 LPF D . -2.73 13.82 -2.90
OL1 LPF D . -1.48 13.10 -3.15
CL2 LPF D . -2.77 14.88 -3.61
CA1 LPF D . -5.46 12.25 -1.11
CA2 LPF D . -5.23 12.73 0.35
CA3 LPF D . -4.40 14.04 0.42
CA4 LPF D . -4.47 11.68 1.22
#